data_6ABP
#
_entry.id   6ABP
#
_cell.length_a   55.540
_cell.length_b   72.120
_cell.length_c   78.020
_cell.angle_alpha   90.00
_cell.angle_beta   90.00
_cell.angle_gamma   90.00
#
_symmetry.space_group_name_H-M   'P 21 21 21'
#
loop_
_entity.id
_entity.type
_entity.pdbx_description
1 polymer 'L-ARABINOSE-BINDING PROTEIN'
2 non-polymer alpha-L-arabinopyranose
3 non-polymer beta-L-arabinopyranose
4 water water
#
_entity_poly.entity_id   1
_entity_poly.type   'polypeptide(L)'
_entity_poly.pdbx_seq_one_letter_code
;ENLKLGFLVKQPEEPWFQTEWKFADKAGKDLGFEVIKIAVPDGEKTLNAIDSLAASGAKGFVICTPDPKLGSAIVAKARG
YDMKVIAVDDQFVNAKGKPMDTVPLVMLAATKIGERQGQELYKEMQKRGWDVKESAVMAITANELDTARRRTTGSMDALK
AAGFPEKQIYQVPTKSNDIPGAFDAANSMLVQHPEVKHWLIVGMNDSTVLGGVRATEGQGFKAADIIGIGINGVDAVSEL
SKAQATGFYGSLLPSPDVHGYKSSEMLYNWVAKDVEPPKFTEVTDVVLITRDNFKEELEKKGLGGK
;
_entity_poly.pdbx_strand_id   A
#
loop_
_chem_comp.id
_chem_comp.type
_chem_comp.name
_chem_comp.formula
ARA L-saccharide, alpha linking alpha-L-arabinopyranose 'C5 H10 O5'
ARB L-saccharide, beta linking beta-L-arabinopyranose 'C5 H10 O5'
#
# COMPACT_ATOMS: atom_id res chain seq x y z
N ASN A 2 26.44 14.44 -9.76
CA ASN A 2 27.25 13.24 -10.04
C ASN A 2 26.32 12.13 -10.62
N LEU A 3 26.21 11.03 -9.89
CA LEU A 3 25.36 9.90 -10.35
C LEU A 3 23.90 10.31 -10.14
N LYS A 4 23.09 10.07 -11.14
CA LYS A 4 21.64 10.36 -11.03
C LYS A 4 20.86 9.06 -11.07
N LEU A 5 19.92 8.97 -10.10
CA LEU A 5 19.10 7.70 -10.12
C LEU A 5 17.65 8.13 -10.06
N GLY A 6 16.78 7.40 -10.78
CA GLY A 6 15.37 7.79 -10.74
C GLY A 6 14.67 7.09 -9.55
N PHE A 7 13.58 7.71 -9.15
CA PHE A 7 12.66 7.11 -8.12
C PHE A 7 11.28 7.49 -8.64
N LEU A 8 10.64 6.45 -9.30
CA LEU A 8 9.38 6.67 -9.96
C LEU A 8 8.22 6.07 -9.19
N VAL A 9 7.19 6.86 -8.85
CA VAL A 9 6.07 6.22 -8.08
C VAL A 9 4.71 6.44 -8.72
N LYS A 10 3.83 5.46 -8.61
CA LYS A 10 2.49 5.60 -9.29
C LYS A 10 1.58 6.62 -8.65
N GLN A 11 1.70 6.84 -7.30
CA GLN A 11 0.79 7.75 -6.59
C GLN A 11 1.50 8.72 -5.68
N PRO A 12 2.00 9.85 -6.22
CA PRO A 12 2.72 10.82 -5.47
C PRO A 12 1.87 11.50 -4.39
N GLU A 13 0.57 11.38 -4.47
CA GLU A 13 -0.26 12.03 -3.44
C GLU A 13 -0.33 11.20 -2.18
N GLU A 14 0.11 9.92 -2.26
CA GLU A 14 -0.04 9.16 -1.04
C GLU A 14 1.15 9.50 -0.13
N PRO A 15 0.93 9.74 1.14
CA PRO A 15 2.09 9.94 2.04
C PRO A 15 3.06 8.79 2.04
N TRP A 16 2.57 7.53 1.85
CA TRP A 16 3.38 6.34 1.64
C TRP A 16 4.50 6.57 0.64
N PHE A 17 4.17 7.00 -0.60
CA PHE A 17 5.24 7.21 -1.56
C PHE A 17 6.09 8.46 -1.28
N GLN A 18 5.40 9.45 -0.71
CA GLN A 18 6.14 10.72 -0.32
C GLN A 18 7.27 10.35 0.60
N THR A 19 6.98 9.36 1.51
CA THR A 19 7.98 8.89 2.48
C THR A 19 9.10 8.08 1.87
N GLU A 20 8.73 7.28 0.83
CA GLU A 20 9.78 6.55 0.11
C GLU A 20 10.75 7.54 -0.49
N TRP A 21 10.18 8.59 -1.14
CA TRP A 21 10.95 9.69 -1.76
C TRP A 21 11.84 10.34 -0.72
N LYS A 22 11.30 10.65 0.47
CA LYS A 22 12.23 11.30 1.46
C LYS A 22 13.40 10.42 1.83
N PHE A 23 13.16 9.12 2.01
CA PHE A 23 14.29 8.20 2.44
C PHE A 23 15.21 7.92 1.29
N ALA A 24 14.73 7.97 0.07
CA ALA A 24 15.64 7.84 -1.09
C ALA A 24 16.59 9.03 -1.07
N ASP A 25 16.09 10.23 -0.83
CA ASP A 25 16.94 11.45 -0.72
C ASP A 25 17.98 11.18 0.36
N LYS A 26 17.63 10.59 1.50
CA LYS A 26 18.67 10.33 2.50
C LYS A 26 19.75 9.40 2.00
N ALA A 27 19.35 8.40 1.29
CA ALA A 27 20.32 7.39 0.72
C ALA A 27 21.23 8.18 -0.27
N GLY A 28 20.65 9.07 -1.01
CA GLY A 28 21.43 9.90 -1.99
C GLY A 28 22.46 10.76 -1.20
N LYS A 29 22.04 11.38 -0.16
CA LYS A 29 22.93 12.24 0.69
C LYS A 29 24.04 11.38 1.23
N ASP A 30 23.71 10.21 1.78
CA ASP A 30 24.71 9.31 2.35
C ASP A 30 25.71 8.71 1.39
N LEU A 31 25.25 8.23 0.23
CA LEU A 31 26.08 7.57 -0.73
C LEU A 31 26.62 8.43 -1.86
N GLY A 32 26.14 9.60 -2.07
CA GLY A 32 26.64 10.45 -3.11
C GLY A 32 25.98 10.28 -4.46
N PHE A 33 24.66 10.49 -4.51
CA PHE A 33 23.90 10.42 -5.79
C PHE A 33 22.73 11.35 -5.52
N GLU A 34 22.22 11.72 -6.68
CA GLU A 34 21.03 12.56 -6.82
C GLU A 34 19.85 11.67 -7.22
N VAL A 35 18.70 11.97 -6.59
CA VAL A 35 17.48 11.21 -6.90
C VAL A 35 16.57 12.00 -7.76
N ILE A 36 16.19 11.61 -8.94
CA ILE A 36 15.21 12.37 -9.75
C ILE A 36 13.83 11.81 -9.39
N LYS A 37 12.97 12.59 -8.83
CA LYS A 37 11.64 12.14 -8.35
C LYS A 37 10.60 12.39 -9.41
N ILE A 38 10.01 11.35 -9.94
CA ILE A 38 8.99 11.43 -11.02
C ILE A 38 7.73 10.64 -10.67
N ALA A 39 6.59 11.19 -10.93
CA ALA A 39 5.25 10.68 -10.74
C ALA A 39 4.92 9.88 -11.97
N VAL A 40 4.52 8.64 -11.89
CA VAL A 40 4.18 7.88 -13.12
C VAL A 40 2.82 7.29 -12.94
N PRO A 41 1.76 8.11 -12.95
CA PRO A 41 0.43 7.59 -12.68
C PRO A 41 -0.19 6.76 -13.78
N ASP A 42 0.37 6.69 -14.97
CA ASP A 42 -0.29 5.80 -16.01
C ASP A 42 0.90 5.28 -16.83
N GLY A 43 0.59 4.38 -17.72
CA GLY A 43 1.55 3.71 -18.58
C GLY A 43 2.32 4.63 -19.52
N GLU A 44 1.59 5.61 -20.01
CA GLU A 44 2.21 6.53 -20.98
C GLU A 44 3.30 7.34 -20.34
N LYS A 45 2.89 7.87 -19.21
CA LYS A 45 3.81 8.73 -18.43
C LYS A 45 4.98 7.91 -18.03
N THR A 46 4.78 6.65 -17.66
CA THR A 46 5.82 5.74 -17.23
C THR A 46 6.88 5.59 -18.32
N LEU A 47 6.38 5.27 -19.54
CA LEU A 47 7.42 5.10 -20.61
C LEU A 47 8.11 6.40 -20.96
N ASN A 48 7.35 7.50 -21.02
CA ASN A 48 7.94 8.80 -21.32
C ASN A 48 8.97 9.23 -20.24
N ALA A 49 8.63 8.90 -19.01
CA ALA A 49 9.53 9.28 -17.87
C ALA A 49 10.87 8.57 -18.06
N ILE A 50 10.81 7.33 -18.51
CA ILE A 50 12.13 6.65 -18.71
C ILE A 50 12.97 7.35 -19.77
N ASP A 51 12.26 7.68 -20.86
CA ASP A 51 13.03 8.43 -21.91
C ASP A 51 13.63 9.68 -21.28
N SER A 52 12.82 10.36 -20.47
CA SER A 52 13.29 11.61 -19.81
C SER A 52 14.48 11.31 -18.94
N LEU A 53 14.46 10.22 -18.16
CA LEU A 53 15.62 9.87 -17.33
C LEU A 53 16.91 9.68 -18.16
N ALA A 54 16.74 9.06 -19.31
CA ALA A 54 17.89 8.78 -20.22
C ALA A 54 18.53 10.08 -20.68
N ALA A 55 17.69 11.03 -21.03
CA ALA A 55 18.11 12.38 -21.47
C ALA A 55 18.87 13.10 -20.36
N SER A 56 18.49 12.86 -19.12
CA SER A 56 19.11 13.43 -17.92
C SER A 56 20.39 12.74 -17.56
N GLY A 57 20.61 11.57 -18.12
CA GLY A 57 21.83 10.85 -17.81
C GLY A 57 21.76 9.90 -16.62
N ALA A 58 20.58 9.52 -16.19
CA ALA A 58 20.40 8.56 -15.03
C ALA A 58 20.87 7.19 -15.48
N LYS A 59 21.50 6.44 -14.58
CA LYS A 59 22.07 5.12 -14.72
C LYS A 59 21.11 4.00 -14.31
N GLY A 60 19.96 4.44 -13.71
CA GLY A 60 19.01 3.37 -13.26
C GLY A 60 17.90 4.11 -12.49
N PHE A 61 16.92 3.31 -12.07
CA PHE A 61 15.78 3.86 -11.32
C PHE A 61 15.08 2.72 -10.52
N VAL A 62 14.48 3.22 -9.41
CA VAL A 62 13.60 2.44 -8.57
C VAL A 62 12.21 2.77 -9.11
N ILE A 63 11.31 1.85 -9.20
CA ILE A 63 9.98 2.15 -9.73
C ILE A 63 8.89 1.38 -9.05
N CYS A 64 7.80 2.08 -8.80
CA CYS A 64 6.51 1.49 -8.33
C CYS A 64 5.53 1.79 -9.50
N THR A 65 5.39 0.80 -10.35
CA THR A 65 4.60 0.91 -11.60
C THR A 65 3.14 1.09 -11.33
N PRO A 66 2.48 1.85 -12.20
CA PRO A 66 1.05 2.07 -12.12
C PRO A 66 0.29 0.85 -12.62
N ASP A 67 0.99 -0.04 -13.31
CA ASP A 67 0.48 -1.26 -13.91
C ASP A 67 1.54 -2.35 -13.96
N PRO A 68 1.34 -3.43 -13.27
CA PRO A 68 2.32 -4.52 -13.26
C PRO A 68 2.56 -5.08 -14.65
N LYS A 69 1.53 -5.08 -15.50
CA LYS A 69 1.65 -5.65 -16.87
C LYS A 69 2.52 -4.78 -17.71
N LEU A 70 2.99 -3.58 -17.35
CA LEU A 70 3.96 -2.84 -18.14
C LEU A 70 5.39 -3.33 -17.97
N GLY A 71 5.61 -4.34 -17.10
CA GLY A 71 6.92 -4.88 -16.72
C GLY A 71 7.82 -5.12 -17.90
N SER A 72 7.27 -5.82 -18.88
CA SER A 72 8.04 -6.12 -20.07
C SER A 72 8.54 -4.86 -20.77
N ALA A 73 7.56 -3.92 -20.92
CA ALA A 73 7.96 -2.71 -21.64
C ALA A 73 9.02 -1.93 -20.92
N ILE A 74 8.87 -1.90 -19.57
CA ILE A 74 9.81 -1.11 -18.80
C ILE A 74 11.21 -1.70 -18.90
N VAL A 75 11.33 -3.01 -18.73
CA VAL A 75 12.58 -3.76 -18.84
C VAL A 75 13.21 -3.52 -20.24
N ALA A 76 12.42 -3.65 -21.29
CA ALA A 76 12.91 -3.45 -22.65
C ALA A 76 13.49 -2.07 -22.82
N LYS A 77 12.81 -1.02 -22.39
CA LYS A 77 13.29 0.36 -22.55
C LYS A 77 14.51 0.62 -21.67
N ALA A 78 14.45 0.09 -20.41
CA ALA A 78 15.62 0.35 -19.62
C ALA A 78 16.85 -0.33 -20.26
N ARG A 79 16.65 -1.53 -20.78
CA ARG A 79 17.85 -2.27 -21.31
C ARG A 79 18.43 -1.41 -22.46
N GLY A 80 17.51 -0.94 -23.28
CA GLY A 80 17.83 -0.07 -24.43
C GLY A 80 18.70 1.08 -23.93
N TYR A 81 18.59 1.52 -22.66
CA TYR A 81 19.40 2.65 -22.24
C TYR A 81 20.49 2.24 -21.28
N ASP A 82 20.74 0.94 -21.11
CA ASP A 82 21.81 0.51 -20.17
C ASP A 82 21.54 1.05 -18.76
N MET A 83 20.27 0.96 -18.41
CA MET A 83 19.85 1.34 -17.06
C MET A 83 19.49 0.13 -16.20
N LYS A 84 19.85 0.10 -14.94
CA LYS A 84 19.41 -0.96 -14.04
C LYS A 84 18.05 -0.51 -13.43
N VAL A 85 17.24 -1.51 -13.19
CA VAL A 85 15.90 -1.31 -12.60
C VAL A 85 15.71 -2.21 -11.35
N ILE A 86 15.04 -1.52 -10.39
CA ILE A 86 14.59 -2.24 -9.15
C ILE A 86 13.12 -1.88 -8.95
N ALA A 87 12.31 -2.85 -8.63
CA ALA A 87 10.90 -2.59 -8.40
C ALA A 87 10.65 -2.51 -6.88
N VAL A 88 9.81 -1.46 -6.55
CA VAL A 88 9.47 -1.33 -5.10
C VAL A 88 7.96 -1.53 -5.07
N ASP A 89 7.44 -2.11 -4.05
CA ASP A 89 6.03 -2.41 -3.72
C ASP A 89 5.29 -3.26 -4.72
N ASP A 90 5.21 -2.95 -5.96
CA ASP A 90 4.35 -3.66 -6.96
C ASP A 90 5.19 -4.47 -7.91
N GLN A 91 5.03 -5.78 -7.86
CA GLN A 91 5.83 -6.68 -8.74
C GLN A 91 5.34 -6.68 -10.21
N PHE A 92 6.37 -6.68 -11.07
CA PHE A 92 6.17 -6.77 -12.52
C PHE A 92 5.64 -8.18 -12.83
N VAL A 93 4.78 -8.26 -13.80
CA VAL A 93 4.23 -9.56 -14.25
C VAL A 93 4.24 -9.55 -15.80
N ASN A 94 4.32 -10.75 -16.31
CA ASN A 94 4.28 -10.88 -17.81
C ASN A 94 2.83 -10.70 -18.27
N ALA A 95 2.70 -10.94 -19.58
CA ALA A 95 1.37 -10.82 -20.22
C ALA A 95 0.32 -11.72 -19.58
N LYS A 96 0.77 -12.93 -19.30
CA LYS A 96 -0.01 -13.98 -18.66
C LYS A 96 -0.29 -13.68 -17.20
N GLY A 97 0.47 -12.78 -16.59
CA GLY A 97 0.15 -12.43 -15.16
C GLY A 97 1.16 -13.16 -14.26
N LYS A 98 2.12 -13.80 -14.87
CA LYS A 98 3.12 -14.49 -14.07
C LYS A 98 4.17 -13.46 -13.64
N PRO A 99 4.66 -13.50 -12.43
CA PRO A 99 5.71 -12.60 -11.96
C PRO A 99 6.98 -12.57 -12.75
N MET A 100 7.59 -11.45 -12.96
CA MET A 100 8.90 -11.35 -13.60
C MET A 100 9.92 -11.41 -12.44
N ASP A 101 10.22 -12.59 -12.01
CA ASP A 101 11.09 -12.89 -10.88
C ASP A 101 12.52 -12.42 -11.02
N THR A 102 13.00 -12.11 -12.19
CA THR A 102 14.36 -11.67 -12.45
C THR A 102 14.65 -10.23 -12.11
N VAL A 103 13.58 -9.44 -11.97
CA VAL A 103 13.76 -8.04 -11.56
C VAL A 103 13.80 -7.97 -10.02
N PRO A 104 14.82 -7.42 -9.46
CA PRO A 104 14.84 -7.31 -7.98
C PRO A 104 13.59 -6.60 -7.48
N LEU A 105 13.05 -7.04 -6.31
CA LEU A 105 11.84 -6.45 -5.81
C LEU A 105 12.02 -6.17 -4.27
N VAL A 106 11.54 -5.01 -3.82
CA VAL A 106 11.55 -4.75 -2.37
C VAL A 106 10.07 -4.58 -2.01
N MET A 107 9.48 -5.29 -1.05
CA MET A 107 8.06 -5.03 -0.81
C MET A 107 7.70 -5.44 0.66
N LEU A 108 6.50 -5.09 1.10
CA LEU A 108 6.10 -5.49 2.47
C LEU A 108 5.62 -6.94 2.39
N ALA A 109 5.50 -7.63 3.49
CA ALA A 109 4.96 -9.04 3.59
C ALA A 109 3.45 -8.97 3.48
N ALA A 110 2.86 -8.95 2.29
CA ALA A 110 1.46 -8.74 2.01
C ALA A 110 0.52 -9.73 2.73
N THR A 111 0.79 -11.00 2.61
CA THR A 111 -0.04 -12.00 3.28
C THR A 111 0.00 -11.82 4.82
N LYS A 112 1.19 -11.70 5.37
CA LYS A 112 1.29 -11.61 6.79
C LYS A 112 0.63 -10.35 7.36
N ILE A 113 0.80 -9.25 6.56
CA ILE A 113 0.18 -8.01 7.12
C ILE A 113 -1.32 -8.03 6.93
N GLY A 114 -1.85 -8.67 5.86
CA GLY A 114 -3.29 -8.81 5.69
C GLY A 114 -3.82 -9.63 6.88
N GLU A 115 -3.16 -10.78 7.11
CA GLU A 115 -3.60 -11.60 8.27
C GLU A 115 -3.68 -10.81 9.56
N ARG A 116 -2.71 -9.92 9.71
CA ARG A 116 -2.68 -9.12 11.00
C ARG A 116 -3.82 -8.15 11.00
N GLN A 117 -4.16 -7.61 9.82
CA GLN A 117 -5.34 -6.75 9.70
C GLN A 117 -6.61 -7.49 10.16
N GLY A 118 -6.87 -8.71 9.72
CA GLY A 118 -8.09 -9.48 10.09
C GLY A 118 -8.02 -9.85 11.59
N GLN A 119 -6.82 -10.17 12.10
CA GLN A 119 -6.77 -10.49 13.56
C GLN A 119 -7.16 -9.28 14.39
N GLU A 120 -6.57 -8.13 13.99
CA GLU A 120 -6.94 -6.88 14.77
C GLU A 120 -8.37 -6.46 14.56
N LEU A 121 -8.99 -6.61 13.39
CA LEU A 121 -10.40 -6.37 13.23
C LEU A 121 -11.25 -7.22 14.21
N TYR A 122 -10.97 -8.50 14.23
CA TYR A 122 -11.71 -9.46 15.05
C TYR A 122 -11.58 -9.09 16.54
N LYS A 123 -10.37 -8.76 16.93
CA LYS A 123 -10.14 -8.42 18.34
C LYS A 123 -10.98 -7.18 18.70
N GLU A 124 -10.90 -6.17 17.83
CA GLU A 124 -11.63 -4.91 18.20
C GLU A 124 -13.10 -5.23 18.19
N MET A 125 -13.61 -6.09 17.32
CA MET A 125 -15.02 -6.44 17.28
C MET A 125 -15.45 -7.07 18.62
N GLN A 126 -14.58 -7.95 19.06
CA GLN A 126 -14.83 -8.65 20.36
C GLN A 126 -14.86 -7.65 21.48
N LYS A 127 -13.94 -6.71 21.53
CA LYS A 127 -13.89 -5.66 22.53
C LYS A 127 -15.20 -4.92 22.64
N ARG A 128 -15.83 -4.64 21.48
CA ARG A 128 -17.06 -3.86 21.40
C ARG A 128 -18.29 -4.68 21.73
N GLY A 129 -18.20 -6.00 21.75
CA GLY A 129 -19.32 -6.87 22.06
C GLY A 129 -20.34 -7.06 20.94
N TRP A 130 -20.03 -6.80 19.69
CA TRP A 130 -21.03 -6.94 18.62
C TRP A 130 -21.66 -8.32 18.48
N ASP A 131 -22.93 -8.38 18.20
CA ASP A 131 -23.54 -9.75 17.95
C ASP A 131 -23.13 -10.11 16.50
N VAL A 132 -22.41 -11.21 16.41
CA VAL A 132 -21.97 -11.65 15.08
C VAL A 132 -23.16 -11.79 14.14
N LYS A 133 -24.33 -12.08 14.64
CA LYS A 133 -25.44 -12.28 13.72
C LYS A 133 -25.81 -11.02 12.98
N GLU A 134 -25.53 -9.88 13.62
CA GLU A 134 -25.93 -8.66 12.82
C GLU A 134 -24.71 -7.90 12.29
N SER A 135 -23.61 -8.58 12.21
CA SER A 135 -22.34 -7.99 11.75
C SER A 135 -22.03 -8.51 10.36
N ALA A 136 -21.16 -7.81 9.63
CA ALA A 136 -20.77 -8.32 8.25
C ALA A 136 -19.37 -7.70 7.98
N VAL A 137 -18.63 -8.23 7.07
CA VAL A 137 -17.34 -7.81 6.59
C VAL A 137 -17.56 -7.25 5.20
N MET A 138 -17.12 -6.06 4.95
CA MET A 138 -17.18 -5.52 3.59
C MET A 138 -15.75 -5.67 3.07
N ALA A 139 -15.50 -6.48 2.05
CA ALA A 139 -14.05 -6.58 1.56
C ALA A 139 -14.00 -5.80 0.24
N ILE A 140 -13.19 -4.68 0.22
CA ILE A 140 -13.13 -3.87 -1.02
C ILE A 140 -11.89 -4.37 -1.70
N THR A 141 -12.01 -5.04 -2.81
CA THR A 141 -10.84 -5.66 -3.43
C THR A 141 -10.33 -5.00 -4.68
N ALA A 142 -9.05 -5.31 -4.91
CA ALA A 142 -8.37 -4.86 -6.19
C ALA A 142 -7.65 -6.11 -6.69
N ASN A 143 -8.42 -7.18 -7.04
CA ASN A 143 -7.73 -8.49 -7.28
C ASN A 143 -6.76 -8.54 -8.42
N GLU A 144 -6.76 -7.55 -9.31
CA GLU A 144 -5.79 -7.60 -10.44
C GLU A 144 -4.40 -7.23 -9.97
N LEU A 145 -4.30 -6.68 -8.79
CA LEU A 145 -2.97 -6.30 -8.20
C LEU A 145 -2.67 -7.29 -7.11
N ASP A 146 -1.65 -8.13 -7.33
CA ASP A 146 -1.21 -9.22 -6.57
C ASP A 146 -1.05 -8.83 -5.03
N THR A 147 -0.25 -7.73 -4.94
CA THR A 147 -0.03 -7.27 -3.56
C THR A 147 -1.31 -6.89 -2.76
N ALA A 148 -2.26 -6.33 -3.43
CA ALA A 148 -3.60 -5.89 -2.93
C ALA A 148 -4.36 -7.17 -2.61
N ARG A 149 -4.37 -8.11 -3.55
CA ARG A 149 -4.99 -9.42 -3.43
C ARG A 149 -4.42 -10.25 -2.30
N ARG A 150 -3.16 -10.39 -2.02
CA ARG A 150 -2.63 -11.15 -0.90
C ARG A 150 -3.04 -10.50 0.43
N ARG A 151 -3.10 -9.17 0.51
CA ARG A 151 -3.54 -8.48 1.73
C ARG A 151 -5.02 -8.80 1.97
N THR A 152 -5.89 -8.56 1.04
CA THR A 152 -7.34 -8.75 1.36
C THR A 152 -7.68 -10.24 1.56
N THR A 153 -7.01 -11.10 0.77
CA THR A 153 -7.24 -12.57 1.03
C THR A 153 -6.73 -12.92 2.42
N GLY A 154 -5.54 -12.42 2.79
CA GLY A 154 -4.95 -12.69 4.10
C GLY A 154 -5.89 -12.30 5.19
N SER A 155 -6.41 -11.08 5.06
CA SER A 155 -7.38 -10.51 6.05
C SER A 155 -8.64 -11.33 6.16
N MET A 156 -9.29 -11.70 5.05
CA MET A 156 -10.50 -12.58 5.06
C MET A 156 -10.16 -13.94 5.62
N ASP A 157 -9.00 -14.49 5.30
CA ASP A 157 -8.61 -15.83 5.79
C ASP A 157 -8.49 -15.83 7.31
N ALA A 158 -7.92 -14.76 7.77
CA ALA A 158 -7.74 -14.57 9.24
C ALA A 158 -9.12 -14.43 9.91
N LEU A 159 -9.99 -13.65 9.29
CA LEU A 159 -11.31 -13.49 9.95
C LEU A 159 -12.01 -14.85 10.04
N LYS A 160 -11.97 -15.53 8.90
CA LYS A 160 -12.56 -16.91 8.88
C LYS A 160 -11.92 -17.80 9.91
N ALA A 161 -10.61 -17.77 10.02
CA ALA A 161 -9.84 -18.58 10.99
C ALA A 161 -10.29 -18.17 12.38
N ALA A 162 -10.56 -16.93 12.70
CA ALA A 162 -10.99 -16.57 14.07
C ALA A 162 -12.46 -16.99 14.32
N GLY A 163 -13.24 -17.36 13.33
CA GLY A 163 -14.61 -17.77 13.56
C GLY A 163 -15.66 -16.87 12.96
N PHE A 164 -15.24 -15.90 12.17
CA PHE A 164 -16.27 -15.01 11.58
C PHE A 164 -16.95 -15.85 10.52
N PRO A 165 -18.26 -15.89 10.49
CA PRO A 165 -18.94 -16.67 9.51
C PRO A 165 -18.64 -16.29 8.08
N GLU A 166 -18.21 -17.25 7.27
CA GLU A 166 -17.91 -16.97 5.86
C GLU A 166 -19.00 -16.37 5.05
N LYS A 167 -20.26 -16.76 5.39
CA LYS A 167 -21.39 -16.31 4.57
C LYS A 167 -21.69 -14.84 4.84
N GLN A 168 -21.07 -14.29 5.87
CA GLN A 168 -21.36 -12.83 6.08
C GLN A 168 -20.18 -11.99 5.62
N ILE A 169 -19.37 -12.46 4.70
CA ILE A 169 -18.21 -11.74 4.14
C ILE A 169 -18.58 -11.37 2.73
N TYR A 170 -18.74 -10.09 2.49
CA TYR A 170 -19.16 -9.66 1.13
C TYR A 170 -18.01 -8.89 0.50
N GLN A 171 -17.74 -9.20 -0.78
CA GLN A 171 -16.63 -8.66 -1.52
C GLN A 171 -17.19 -7.78 -2.59
N VAL A 172 -16.50 -6.68 -2.88
CA VAL A 172 -16.89 -5.73 -3.90
C VAL A 172 -15.55 -5.18 -4.46
N PRO A 173 -15.53 -5.14 -5.77
CA PRO A 173 -14.34 -4.67 -6.48
C PRO A 173 -14.28 -3.18 -6.52
N THR A 174 -13.08 -2.60 -6.46
CA THR A 174 -13.05 -1.14 -6.55
C THR A 174 -12.35 -0.85 -7.88
N LYS A 175 -12.80 0.19 -8.57
CA LYS A 175 -12.14 0.53 -9.85
C LYS A 175 -10.89 1.34 -9.66
N SER A 176 -10.62 1.95 -8.50
CA SER A 176 -9.38 2.74 -8.38
C SER A 176 -8.95 2.52 -6.92
N ASN A 177 -7.65 2.59 -6.69
CA ASN A 177 -7.20 2.35 -5.32
C ASN A 177 -7.13 3.67 -4.58
N ASP A 178 -8.16 4.35 -4.29
CA ASP A 178 -8.28 5.64 -3.64
C ASP A 178 -9.66 5.72 -2.97
N ILE A 179 -9.85 6.89 -2.37
CA ILE A 179 -11.10 7.17 -1.62
C ILE A 179 -12.31 7.18 -2.50
N PRO A 180 -12.31 7.89 -3.59
CA PRO A 180 -13.45 7.88 -4.54
C PRO A 180 -13.74 6.50 -5.05
N GLY A 181 -12.79 5.70 -5.44
CA GLY A 181 -13.11 4.36 -5.97
C GLY A 181 -13.71 3.51 -4.90
N ALA A 182 -13.13 3.57 -3.71
CA ALA A 182 -13.65 2.72 -2.60
C ALA A 182 -14.98 3.11 -2.05
N PHE A 183 -15.24 4.39 -2.04
CA PHE A 183 -16.48 5.03 -1.60
C PHE A 183 -17.63 4.45 -2.44
N ASP A 184 -17.41 4.62 -3.75
CA ASP A 184 -18.39 4.10 -4.72
C ASP A 184 -18.69 2.63 -4.53
N ALA A 185 -17.63 1.86 -4.47
CA ALA A 185 -17.72 0.41 -4.30
C ALA A 185 -18.54 0.10 -3.03
N ALA A 186 -18.06 0.71 -1.89
CA ALA A 186 -18.70 0.44 -0.60
C ALA A 186 -20.17 0.86 -0.66
N ASN A 187 -20.45 1.98 -1.22
CA ASN A 187 -21.84 2.47 -1.28
C ASN A 187 -22.73 1.43 -1.96
N SER A 188 -22.32 0.87 -3.05
CA SER A 188 -23.19 -0.11 -3.77
C SER A 188 -23.38 -1.33 -2.90
N MET A 189 -22.42 -1.75 -2.10
CA MET A 189 -22.58 -2.93 -1.29
C MET A 189 -23.50 -2.58 -0.13
N LEU A 190 -23.35 -1.39 0.44
CA LEU A 190 -24.15 -1.06 1.64
C LEU A 190 -25.69 -1.13 1.43
N VAL A 191 -26.17 -0.64 0.32
CA VAL A 191 -27.62 -0.62 0.05
C VAL A 191 -28.15 -2.01 -0.25
N GLN A 192 -27.26 -2.95 -0.50
CA GLN A 192 -27.70 -4.33 -0.76
C GLN A 192 -27.87 -5.08 0.55
N HIS A 193 -27.35 -4.54 1.67
CA HIS A 193 -27.43 -5.21 2.95
C HIS A 193 -28.01 -4.45 4.09
N PRO A 194 -29.28 -4.07 4.05
CA PRO A 194 -29.96 -3.35 5.13
C PRO A 194 -29.99 -4.03 6.47
N GLU A 195 -29.82 -5.37 6.46
CA GLU A 195 -29.92 -6.16 7.68
C GLU A 195 -28.73 -6.00 8.59
N VAL A 196 -27.63 -5.44 7.99
CA VAL A 196 -26.40 -5.33 8.80
C VAL A 196 -26.43 -4.08 9.67
N LYS A 197 -26.13 -4.35 10.93
CA LYS A 197 -26.01 -3.32 11.91
C LYS A 197 -24.55 -2.85 12.23
N HIS A 198 -23.58 -3.68 11.98
CA HIS A 198 -22.17 -3.37 12.30
C HIS A 198 -21.31 -3.90 11.16
N TRP A 199 -20.37 -3.06 10.73
CA TRP A 199 -19.49 -3.44 9.61
C TRP A 199 -17.98 -3.40 9.99
N LEU A 200 -17.30 -4.45 9.54
CA LEU A 200 -15.85 -4.60 9.53
C LEU A 200 -15.48 -4.20 8.03
N ILE A 201 -14.56 -3.23 7.91
CA ILE A 201 -14.22 -2.85 6.50
C ILE A 201 -12.82 -3.34 6.17
N VAL A 202 -12.71 -4.22 5.18
CA VAL A 202 -11.40 -4.75 4.79
C VAL A 202 -10.94 -4.08 3.46
N GLY A 203 -9.67 -3.67 3.40
CA GLY A 203 -9.18 -3.07 2.09
C GLY A 203 -7.64 -3.19 2.22
N MET A 204 -6.96 -3.12 1.06
CA MET A 204 -5.50 -3.32 1.10
C MET A 204 -4.74 -2.13 1.68
N ASN A 205 -5.27 -0.92 1.72
CA ASN A 205 -4.49 0.22 2.23
C ASN A 205 -5.44 1.21 2.89
N ASP A 206 -4.83 2.23 3.51
CA ASP A 206 -5.59 3.27 4.19
C ASP A 206 -6.64 3.95 3.33
N SER A 207 -6.32 4.37 2.08
CA SER A 207 -7.29 5.10 1.27
C SER A 207 -8.50 4.26 0.96
N THR A 208 -8.23 2.94 0.79
CA THR A 208 -9.39 2.08 0.43
C THR A 208 -10.39 1.93 1.55
N VAL A 209 -9.71 1.80 2.72
CA VAL A 209 -10.51 1.60 3.98
C VAL A 209 -11.19 2.97 4.24
N LEU A 210 -10.50 4.10 4.08
CA LEU A 210 -11.15 5.36 4.36
C LEU A 210 -12.34 5.59 3.47
N GLY A 211 -12.30 5.23 2.17
CA GLY A 211 -13.47 5.44 1.31
C GLY A 211 -14.63 4.56 1.81
N GLY A 212 -14.37 3.36 2.24
CA GLY A 212 -15.34 2.41 2.83
C GLY A 212 -15.99 3.10 4.04
N VAL A 213 -15.12 3.68 4.94
CA VAL A 213 -15.66 4.36 6.12
C VAL A 213 -16.49 5.57 5.74
N ARG A 214 -16.09 6.45 4.87
CA ARG A 214 -16.88 7.60 4.40
C ARG A 214 -18.24 7.17 3.84
N ALA A 215 -18.33 6.08 3.08
CA ALA A 215 -19.60 5.59 2.55
C ALA A 215 -20.49 5.16 3.71
N THR A 216 -19.97 4.48 4.74
CA THR A 216 -20.81 4.03 5.86
C THR A 216 -21.42 5.18 6.62
N GLU A 217 -20.65 6.25 6.73
CA GLU A 217 -21.13 7.45 7.39
C GLU A 217 -22.32 8.02 6.65
N GLY A 218 -22.24 8.01 5.31
CA GLY A 218 -23.33 8.57 4.50
C GLY A 218 -24.58 7.70 4.49
N GLN A 219 -24.48 6.48 4.93
CA GLN A 219 -25.63 5.61 5.00
C GLN A 219 -26.11 5.55 6.47
N GLY A 220 -25.75 6.52 7.28
CA GLY A 220 -26.24 6.50 8.66
C GLY A 220 -25.62 5.71 9.70
N PHE A 221 -24.40 5.16 9.52
CA PHE A 221 -23.77 4.39 10.64
C PHE A 221 -22.90 5.31 11.47
N LYS A 222 -22.95 5.15 12.81
CA LYS A 222 -22.06 5.99 13.65
C LYS A 222 -20.82 5.19 13.88
N ALA A 223 -19.71 5.82 14.32
CA ALA A 223 -18.45 5.20 14.55
C ALA A 223 -18.48 3.97 15.38
N ALA A 224 -19.33 3.86 16.44
CA ALA A 224 -19.21 2.64 17.23
C ALA A 224 -19.54 1.40 16.44
N ASP A 225 -20.33 1.57 15.36
CA ASP A 225 -20.73 0.42 14.60
C ASP A 225 -19.90 0.12 13.35
N ILE A 226 -18.74 0.70 13.21
CA ILE A 226 -17.84 0.54 12.08
C ILE A 226 -16.44 0.33 12.62
N ILE A 227 -15.80 -0.66 12.07
CA ILE A 227 -14.33 -0.86 12.39
C ILE A 227 -13.62 -1.00 11.04
N GLY A 228 -12.73 -0.08 10.77
CA GLY A 228 -11.87 -0.15 9.57
C GLY A 228 -10.43 0.03 10.09
N ILE A 229 -9.53 -0.84 9.72
CA ILE A 229 -8.12 -0.74 10.06
C ILE A 229 -7.34 -0.65 8.70
N GLY A 230 -6.70 0.49 8.50
CA GLY A 230 -5.99 0.58 7.16
C GLY A 230 -4.64 -0.13 7.27
N ILE A 231 -3.93 0.00 6.13
CA ILE A 231 -2.54 -0.44 6.00
C ILE A 231 -1.78 0.75 5.35
N ASN A 232 -0.67 1.15 5.84
CA ASN A 232 0.30 2.16 5.35
C ASN A 232 0.74 3.00 6.57
N GLY A 233 -0.12 3.33 7.49
CA GLY A 233 0.19 4.09 8.69
C GLY A 233 0.24 5.58 8.38
N VAL A 234 1.27 5.97 7.62
CA VAL A 234 1.55 7.41 7.25
C VAL A 234 0.39 8.00 6.56
N ASP A 235 -0.36 7.12 5.79
CA ASP A 235 -1.49 7.75 5.09
C ASP A 235 -2.72 8.05 5.97
N ALA A 236 -2.77 7.59 7.19
CA ALA A 236 -3.94 7.79 8.05
C ALA A 236 -3.75 8.86 9.07
N VAL A 237 -2.69 9.65 8.97
CA VAL A 237 -2.45 10.60 10.10
C VAL A 237 -3.55 11.64 10.12
N SER A 238 -4.00 12.12 8.99
CA SER A 238 -5.00 13.20 9.11
C SER A 238 -6.31 12.64 9.71
N GLU A 239 -6.58 11.34 9.46
CA GLU A 239 -7.80 10.80 10.05
C GLU A 239 -7.67 10.65 11.54
N LEU A 240 -6.51 10.12 11.93
CA LEU A 240 -6.30 9.84 13.40
C LEU A 240 -6.20 11.08 14.24
N SER A 241 -5.84 12.19 13.63
CA SER A 241 -5.61 13.54 14.17
C SER A 241 -6.90 14.33 14.36
N LYS A 242 -8.02 13.90 13.76
CA LYS A 242 -9.30 14.55 13.90
C LYS A 242 -9.70 14.63 15.37
N ALA A 243 -10.57 15.61 15.69
CA ALA A 243 -10.98 15.78 17.10
C ALA A 243 -11.78 14.60 17.57
N GLN A 244 -12.74 14.16 16.75
CA GLN A 244 -13.67 13.07 17.08
C GLN A 244 -13.32 11.69 16.55
N ALA A 245 -13.59 10.63 17.28
CA ALA A 245 -13.29 9.29 16.73
C ALA A 245 -14.27 8.99 15.57
N THR A 246 -13.80 8.19 14.65
CA THR A 246 -14.59 7.78 13.48
C THR A 246 -14.57 6.26 13.40
N GLY A 247 -15.16 5.76 12.29
CA GLY A 247 -15.15 4.29 12.08
C GLY A 247 -13.76 3.81 11.68
N PHE A 248 -12.88 4.73 11.38
CA PHE A 248 -11.46 4.33 10.97
C PHE A 248 -10.77 4.17 12.37
N TYR A 249 -10.61 2.95 12.79
CA TYR A 249 -10.03 2.75 14.14
C TYR A 249 -8.57 2.86 14.21
N GLY A 250 -7.78 2.46 13.26
CA GLY A 250 -6.29 2.48 13.36
C GLY A 250 -5.76 2.05 11.97
N SER A 251 -4.45 1.96 11.94
CA SER A 251 -3.77 1.61 10.72
C SER A 251 -2.55 0.74 11.03
N LEU A 252 -2.23 -0.17 10.13
CA LEU A 252 -1.00 -1.01 10.34
C LEU A 252 0.17 -0.26 9.71
N LEU A 253 1.13 0.23 10.42
CA LEU A 253 2.28 0.93 9.91
C LEU A 253 3.46 0.03 9.55
N PRO A 254 3.74 -0.20 8.28
CA PRO A 254 4.90 -0.92 7.75
C PRO A 254 6.11 0.01 7.71
N SER A 255 7.07 -0.21 6.79
CA SER A 255 8.29 0.60 6.73
C SER A 255 8.62 1.20 5.37
N PRO A 256 7.83 2.20 4.96
CA PRO A 256 8.06 2.88 3.69
C PRO A 256 9.48 3.49 3.71
N ASP A 257 9.95 3.94 4.93
CA ASP A 257 11.29 4.48 5.11
C ASP A 257 12.36 3.48 4.67
N VAL A 258 12.24 2.23 5.16
CA VAL A 258 13.12 1.10 4.73
C VAL A 258 13.05 0.89 3.20
N HIS A 259 11.80 0.84 2.69
CA HIS A 259 11.65 0.67 1.23
C HIS A 259 12.34 1.77 0.44
N GLY A 260 12.20 3.04 0.76
CA GLY A 260 12.83 4.14 0.00
C GLY A 260 14.34 4.10 0.15
N TYR A 261 14.86 3.94 1.36
CA TYR A 261 16.37 3.94 1.47
C TYR A 261 17.01 2.70 0.89
N LYS A 262 16.47 1.51 1.26
CA LYS A 262 17.10 0.26 0.90
C LYS A 262 16.99 0.04 -0.63
N SER A 263 15.83 0.34 -1.17
CA SER A 263 15.88 0.11 -2.69
C SER A 263 16.90 1.03 -3.35
N SER A 264 17.00 2.28 -3.04
CA SER A 264 17.92 3.27 -3.53
C SER A 264 19.35 2.81 -3.27
N GLU A 265 19.62 2.40 -2.00
CA GLU A 265 21.00 1.93 -1.70
C GLU A 265 21.49 0.77 -2.49
N MET A 266 20.59 -0.23 -2.67
CA MET A 266 20.82 -1.40 -3.45
C MET A 266 21.03 -0.99 -4.94
N LEU A 267 20.23 -0.07 -5.49
CA LEU A 267 20.36 0.35 -6.91
C LEU A 267 21.78 0.89 -7.15
N TYR A 268 22.13 1.79 -6.20
CA TYR A 268 23.45 2.43 -6.19
C TYR A 268 24.59 1.44 -6.12
N ASN A 269 24.62 0.51 -5.20
CA ASN A 269 25.68 -0.52 -5.14
C ASN A 269 25.75 -1.33 -6.44
N TRP A 270 24.60 -1.55 -7.08
CA TRP A 270 24.51 -2.31 -8.33
C TRP A 270 25.12 -1.51 -9.50
N VAL A 271 24.71 -0.25 -9.50
CA VAL A 271 25.14 0.62 -10.62
C VAL A 271 26.66 0.91 -10.49
N ALA A 272 27.01 1.28 -9.28
CA ALA A 272 28.35 1.75 -8.93
C ALA A 272 29.35 0.60 -8.72
N LYS A 273 28.97 -0.59 -8.34
CA LYS A 273 29.90 -1.69 -8.12
C LYS A 273 29.46 -3.02 -8.70
N ASP A 274 28.45 -3.09 -9.55
CA ASP A 274 27.95 -4.37 -10.07
C ASP A 274 27.71 -5.30 -8.86
N VAL A 275 27.32 -4.72 -7.73
CA VAL A 275 26.93 -5.61 -6.62
C VAL A 275 25.44 -5.87 -6.95
N GLU A 276 25.19 -7.10 -7.26
CA GLU A 276 23.82 -7.53 -7.72
C GLU A 276 22.91 -7.73 -6.55
N PRO A 277 21.73 -7.07 -6.56
CA PRO A 277 20.83 -7.26 -5.42
C PRO A 277 20.14 -8.58 -5.33
N PRO A 278 19.74 -8.89 -4.08
CA PRO A 278 18.89 -10.05 -3.86
C PRO A 278 17.69 -9.93 -4.79
N LYS A 279 17.06 -10.95 -5.27
CA LYS A 279 15.91 -10.80 -6.15
C LYS A 279 14.67 -10.41 -5.33
N PHE A 280 14.57 -10.82 -4.04
CA PHE A 280 13.29 -10.50 -3.35
C PHE A 280 13.62 -10.12 -1.93
N THR A 281 13.16 -8.93 -1.53
CA THR A 281 13.42 -8.39 -0.19
C THR A 281 12.02 -8.12 0.41
N GLU A 282 11.58 -8.92 1.35
CA GLU A 282 10.25 -8.80 1.98
C GLU A 282 10.47 -8.19 3.36
N VAL A 283 9.87 -7.02 3.58
CA VAL A 283 10.04 -6.32 4.88
C VAL A 283 8.87 -6.69 5.74
N THR A 284 9.10 -7.21 6.91
CA THR A 284 8.01 -7.72 7.76
C THR A 284 7.53 -6.83 8.87
N ASP A 285 8.23 -5.73 9.11
CA ASP A 285 7.91 -4.77 10.14
C ASP A 285 6.42 -4.32 10.09
N VAL A 286 5.85 -4.29 11.30
CA VAL A 286 4.48 -3.71 11.34
C VAL A 286 4.11 -3.34 12.78
N VAL A 287 3.39 -2.25 12.88
CA VAL A 287 2.93 -1.91 14.25
C VAL A 287 1.52 -1.32 14.10
N LEU A 288 0.60 -1.60 15.03
CA LEU A 288 -0.72 -1.00 14.91
C LEU A 288 -0.73 0.40 15.53
N ILE A 289 -1.13 1.41 14.79
CA ILE A 289 -1.29 2.77 15.30
C ILE A 289 -2.83 3.09 15.33
N THR A 290 -3.14 3.75 16.46
CA THR A 290 -4.50 4.19 16.75
C THR A 290 -4.50 5.58 17.21
N ARG A 291 -5.68 6.18 17.58
CA ARG A 291 -5.72 7.51 18.09
C ARG A 291 -4.76 7.71 19.31
N ASP A 292 -4.71 6.72 20.10
CA ASP A 292 -3.91 6.78 21.33
C ASP A 292 -2.39 6.79 21.11
N ASN A 293 -1.87 6.08 20.08
CA ASN A 293 -0.39 6.05 20.05
C ASN A 293 0.23 6.51 18.77
N PHE A 294 -0.55 6.95 17.80
CA PHE A 294 0.07 7.21 16.49
C PHE A 294 1.22 8.19 16.64
N LYS A 295 1.07 9.20 17.46
CA LYS A 295 2.23 10.17 17.51
C LYS A 295 3.49 9.53 18.09
N GLU A 296 3.46 8.80 19.17
CA GLU A 296 4.58 8.12 19.79
C GLU A 296 5.30 7.21 18.74
N GLU A 297 4.45 6.40 18.13
CA GLU A 297 4.92 5.42 17.14
C GLU A 297 5.53 6.06 15.93
N LEU A 298 4.99 7.09 15.37
CA LEU A 298 5.65 7.69 14.17
C LEU A 298 6.98 8.33 14.58
N GLU A 299 6.95 8.93 15.80
CA GLU A 299 8.20 9.61 16.20
C GLU A 299 9.23 8.53 16.47
N LYS A 300 8.78 7.48 17.08
CA LYS A 300 9.71 6.36 17.44
C LYS A 300 10.29 5.76 16.18
N LYS A 301 9.65 5.95 15.04
CA LYS A 301 10.17 5.40 13.76
C LYS A 301 10.77 6.50 12.95
N GLY A 302 11.02 7.67 13.48
CA GLY A 302 11.60 8.77 12.68
C GLY A 302 10.73 9.37 11.64
N LEU A 303 9.43 9.08 11.63
CA LEU A 303 8.54 9.73 10.62
C LEU A 303 7.76 10.85 11.29
N GLY A 304 8.44 11.55 12.17
CA GLY A 304 8.15 12.68 13.00
C GLY A 304 7.20 13.74 12.49
N GLY A 305 6.39 14.22 13.43
CA GLY A 305 5.32 15.22 13.18
C GLY A 305 4.02 14.39 13.18
N LYS A 306 2.99 14.91 13.82
CA LYS A 306 1.67 14.17 13.91
C LYS A 306 0.72 15.13 14.65
C1 ARA B . 1.01 -0.53 -3.05
C2 ARA B . -0.14 0.30 -2.48
C3 ARA B . 0.36 1.28 -1.64
C4 ARA B . 1.18 0.73 -0.41
C5 ARA B . 2.25 -0.27 -0.92
O1 ARA B . 0.48 -1.49 -3.85
O2 ARA B . -0.74 0.99 -3.60
O3 ARA B . -0.63 2.21 -1.06
O4 ARA B . 0.34 -0.04 0.49
O5 ARA B . 1.59 -1.17 -1.93
C1 ARB C . 0.72 -0.79 -2.98
C2 ARB C . -0.27 0.20 -2.48
C3 ARB C . 0.34 1.27 -1.68
C4 ARB C . 1.12 0.64 -0.48
C5 ARB C . 2.26 -0.32 -1.01
O1 ARB C . 1.51 -0.21 -3.96
O2 ARB C . -0.84 0.91 -3.64
O3 ARB C . -0.61 2.24 -1.14
O4 ARB C . 0.24 -0.06 0.47
O5 ARB C . 1.66 -1.22 -1.94
#